data_8U94
#
_entry.id   8U94
#
_cell.length_a   32.505
_cell.length_b   49.016
_cell.length_c   63.690
_cell.angle_alpha   90.00
_cell.angle_beta   96.71
_cell.angle_gamma   90.00
#
_symmetry.space_group_name_H-M   'P 1 21 1'
#
loop_
_entity.id
_entity.type
_entity.pdbx_description
1 polymer 'Dephospho-CoA kinase'
2 non-polymer "ADENOSINE-5'-DIPHOSPHATE"
3 non-polymer (4S)-2-METHYL-2,4-PENTANEDIOL
4 water water
#
_entity_poly.entity_id   1
_entity_poly.type   'polypeptide(L)'
_entity_poly.pdbx_seq_one_letter_code
;MAHHHHHHMTYTVALTGGIGSGKSTVADEFAHLGVTVIDADIIARQVVEPGTPALLAIAERFGPQMINDDGSLNRRRLRE
RIFAHSEDKAWLNALLHPLIQQETRRQMQASTSPYLLWVVPLLVENRLTDKADRILVVDVPKETQIERTIRRDGVSREHA
EHILAAQATREQRLAAADDVIENMGSADAVASHVARLHDKYLMLASQAASQEKP
;
_entity_poly.pdbx_strand_id   A
#
# COMPACT_ATOMS: atom_id res chain seq x y z
N THR A 10 16.51 -4.89 9.50
CA THR A 10 16.86 -3.84 8.56
C THR A 10 16.12 -2.55 8.86
N TYR A 11 16.81 -1.43 8.73
CA TYR A 11 16.21 -0.12 8.94
C TYR A 11 14.96 0.02 8.09
N THR A 12 13.86 0.42 8.72
CA THR A 12 12.54 0.40 8.08
C THR A 12 11.85 1.75 8.21
N VAL A 13 11.41 2.26 7.08
CA VAL A 13 10.60 3.47 7.00
C VAL A 13 9.17 3.04 6.65
N ALA A 14 8.22 3.43 7.49
CA ALA A 14 6.81 3.17 7.22
C ALA A 14 6.24 4.36 6.46
N LEU A 15 5.62 4.07 5.31
CA LEU A 15 4.95 5.09 4.50
C LEU A 15 3.45 4.96 4.72
N THR A 16 2.83 6.05 5.17
CA THR A 16 1.38 6.05 5.36
C THR A 16 0.80 7.30 4.75
N GLY A 17 -0.53 7.37 4.79
CA GLY A 17 -1.27 8.42 4.16
C GLY A 17 -2.70 7.95 3.94
N GLY A 18 -3.62 8.87 3.86
CA GLY A 18 -5.01 8.55 3.62
C GLY A 18 -5.26 8.07 2.22
N ILE A 19 -6.46 7.57 1.99
CA ILE A 19 -6.80 7.07 0.67
C ILE A 19 -6.63 8.19 -0.36
N GLY A 20 -6.02 7.85 -1.48
CA GLY A 20 -5.87 8.78 -2.56
C GLY A 20 -4.76 9.80 -2.38
N SER A 21 -3.99 9.73 -1.30
CA SER A 21 -2.97 10.75 -1.06
C SER A 21 -1.72 10.52 -1.90
N GLY A 22 -1.41 9.28 -2.25
CA GLY A 22 -0.27 8.99 -3.10
C GLY A 22 0.74 8.03 -2.50
N LYS A 23 0.31 7.14 -1.62
CA LYS A 23 1.24 6.15 -1.07
C LYS A 23 1.89 5.34 -2.19
N SER A 24 1.09 4.75 -3.08
CA SER A 24 1.66 3.96 -4.17
C SER A 24 2.56 4.82 -5.06
N THR A 25 2.16 6.06 -5.30
CA THR A 25 2.92 6.92 -6.21
C THR A 25 4.29 7.27 -5.64
N VAL A 26 4.33 7.68 -4.38
CA VAL A 26 5.60 8.00 -3.72
C VAL A 26 6.46 6.75 -3.55
N ALA A 27 5.85 5.61 -3.20
CA ALA A 27 6.62 4.38 -3.03
C ALA A 27 7.36 4.00 -4.31
N ASP A 28 6.73 4.24 -5.46
CA ASP A 28 7.38 3.92 -6.72
C ASP A 28 8.64 4.76 -6.91
N GLU A 29 8.63 6.00 -6.44
CA GLU A 29 9.81 6.84 -6.60
C GLU A 29 10.96 6.35 -5.73
N PHE A 30 10.66 5.89 -4.51
CA PHE A 30 11.68 5.25 -3.70
C PHE A 30 12.20 3.97 -4.37
N ALA A 31 11.30 3.16 -4.94
CA ALA A 31 11.74 1.97 -5.64
C ALA A 31 12.72 2.30 -6.75
N HIS A 32 12.48 3.42 -7.44
CA HIS A 32 13.37 3.84 -8.53
C HIS A 32 14.77 4.17 -8.03
N LEU A 33 14.91 4.48 -6.76
CA LEU A 33 16.19 4.74 -6.12
C LEU A 33 16.79 3.49 -5.50
N GLY A 34 16.24 2.32 -5.84
CA GLY A 34 16.80 1.05 -5.41
C GLY A 34 16.31 0.55 -4.08
N VAL A 35 15.36 1.24 -3.45
CA VAL A 35 14.84 0.82 -2.16
C VAL A 35 13.89 -0.33 -2.34
N THR A 36 13.99 -1.34 -1.48
CA THR A 36 13.02 -2.41 -1.44
C THR A 36 11.73 -1.87 -0.85
N VAL A 37 10.64 -2.00 -1.59
CA VAL A 37 9.32 -1.56 -1.17
C VAL A 37 8.49 -2.81 -0.86
N ILE A 38 7.98 -2.88 0.36
CA ILE A 38 7.08 -3.97 0.77
C ILE A 38 5.68 -3.40 0.85
N ASP A 39 4.75 -3.95 0.08
CA ASP A 39 3.37 -3.47 0.06
C ASP A 39 2.44 -4.68 0.02
N ALA A 40 1.71 -4.88 1.12
CA ALA A 40 0.87 -6.07 1.23
C ALA A 40 -0.24 -6.08 0.17
N ASP A 41 -0.69 -4.93 -0.30
CA ASP A 41 -1.73 -4.90 -1.31
C ASP A 41 -1.17 -5.38 -2.65
N ILE A 42 0.07 -5.01 -2.94
CA ILE A 42 0.73 -5.52 -4.14
C ILE A 42 0.95 -7.01 -4.04
N ILE A 43 1.43 -7.46 -2.89
CA ILE A 43 1.69 -8.88 -2.71
C ILE A 43 0.41 -9.69 -2.86
N ALA A 44 -0.71 -9.18 -2.34
CA ALA A 44 -1.97 -9.90 -2.47
C ALA A 44 -2.34 -10.07 -3.92
N ARG A 45 -2.15 -9.05 -4.75
CA ARG A 45 -2.42 -9.21 -6.17
C ARG A 45 -1.45 -10.19 -6.81
N GLN A 46 -0.18 -10.17 -6.38
CA GLN A 46 0.80 -11.07 -6.96
C GLN A 46 0.43 -12.52 -6.76
N VAL A 47 -0.08 -12.86 -5.57
CA VAL A 47 -0.34 -14.26 -5.25
C VAL A 47 -1.54 -14.84 -5.99
N VAL A 48 -2.36 -14.00 -6.64
CA VAL A 48 -3.49 -14.44 -7.45
C VAL A 48 -3.32 -14.06 -8.92
N GLU A 49 -2.09 -13.83 -9.36
CA GLU A 49 -1.85 -13.48 -10.75
C GLU A 49 -2.22 -14.61 -11.72
N PRO A 50 -2.33 -14.31 -13.00
CA PRO A 50 -2.59 -15.36 -14.00
C PRO A 50 -1.68 -16.56 -13.82
N GLY A 51 -2.28 -17.74 -13.87
CA GLY A 51 -1.52 -18.97 -13.81
C GLY A 51 -1.13 -19.42 -12.42
N THR A 52 -1.44 -18.66 -11.36
CA THR A 52 -1.01 -19.06 -10.03
C THR A 52 -1.88 -20.18 -9.45
N PRO A 53 -1.32 -21.00 -8.56
CA PRO A 53 -2.16 -22.03 -7.91
C PRO A 53 -3.30 -21.44 -7.11
N ALA A 54 -3.12 -20.28 -6.49
CA ALA A 54 -4.23 -19.73 -5.71
C ALA A 54 -5.36 -19.27 -6.61
N LEU A 55 -5.05 -18.68 -7.77
CA LEU A 55 -6.11 -18.35 -8.72
C LEU A 55 -6.83 -19.61 -9.17
N LEU A 56 -6.09 -20.69 -9.44
CA LEU A 56 -6.75 -21.92 -9.84
C LEU A 56 -7.67 -22.41 -8.74
N ALA A 57 -7.24 -22.33 -7.49
CA ALA A 57 -8.08 -22.77 -6.40
C ALA A 57 -9.37 -21.96 -6.33
N ILE A 58 -9.28 -20.65 -6.54
CA ILE A 58 -10.47 -19.80 -6.56
C ILE A 58 -11.40 -20.24 -7.68
N ALA A 59 -10.87 -20.47 -8.87
CA ALA A 59 -11.71 -20.86 -9.99
C ALA A 59 -12.28 -22.26 -9.80
N GLU A 60 -11.49 -23.19 -9.26
CA GLU A 60 -12.02 -24.53 -9.08
C GLU A 60 -13.13 -24.54 -8.06
N ARG A 61 -13.07 -23.68 -7.05
CA ARG A 61 -14.15 -23.63 -6.09
C ARG A 61 -15.35 -22.89 -6.64
N PHE A 62 -15.15 -21.67 -7.11
CA PHE A 62 -16.25 -20.77 -7.41
C PHE A 62 -16.64 -20.74 -8.89
N GLY A 63 -15.77 -21.18 -9.79
CA GLY A 63 -16.15 -21.31 -11.17
C GLY A 63 -15.24 -20.57 -12.12
N PRO A 64 -15.26 -20.97 -13.39
CA PRO A 64 -14.34 -20.35 -14.37
C PRO A 64 -14.65 -18.89 -14.63
N GLN A 65 -15.84 -18.41 -14.26
CA GLN A 65 -16.19 -17.00 -14.38
C GLN A 65 -15.34 -16.12 -13.47
N MET A 66 -14.55 -16.72 -12.57
CA MET A 66 -13.59 -15.99 -11.75
C MET A 66 -12.35 -15.57 -12.53
N ILE A 67 -12.18 -16.05 -13.76
CA ILE A 67 -11.00 -15.75 -14.57
C ILE A 67 -11.46 -15.00 -15.81
N ASN A 68 -10.86 -13.84 -16.04
CA ASN A 68 -11.15 -13.02 -17.21
C ASN A 68 -10.51 -13.63 -18.45
N ASP A 69 -10.91 -13.11 -19.63
CA ASP A 69 -10.36 -13.62 -20.88
C ASP A 69 -8.84 -13.53 -20.90
N ASP A 70 -8.28 -12.54 -20.22
CA ASP A 70 -6.83 -12.36 -20.19
C ASP A 70 -6.13 -13.24 -19.17
N GLY A 71 -6.87 -14.12 -18.49
CA GLY A 71 -6.32 -15.01 -17.47
C GLY A 71 -6.22 -14.43 -16.07
N SER A 72 -6.63 -13.19 -15.85
CA SER A 72 -6.50 -12.57 -14.55
C SER A 72 -7.76 -12.80 -13.73
N LEU A 73 -7.64 -12.59 -12.42
CA LEU A 73 -8.78 -12.70 -11.52
C LEU A 73 -9.81 -11.64 -11.83
N ASN A 74 -11.07 -12.04 -11.94
CA ASN A 74 -12.17 -11.10 -12.07
C ASN A 74 -12.52 -10.69 -10.65
N ARG A 75 -11.97 -9.56 -10.21
CA ARG A 75 -12.06 -9.18 -8.82
C ARG A 75 -13.49 -8.87 -8.44
N ARG A 76 -14.25 -8.25 -9.34
CA ARG A 76 -15.64 -7.91 -9.00
C ARG A 76 -16.44 -9.18 -8.73
N ARG A 77 -16.27 -10.20 -9.58
CA ARG A 77 -16.98 -11.44 -9.36
C ARG A 77 -16.60 -12.06 -8.03
N LEU A 78 -15.33 -11.97 -7.64
CA LEU A 78 -14.96 -12.50 -6.32
C LEU A 78 -15.57 -11.66 -5.19
N ARG A 79 -15.55 -10.33 -5.31
CA ARG A 79 -16.21 -9.51 -4.31
C ARG A 79 -17.70 -9.85 -4.21
N GLU A 80 -18.35 -10.08 -5.36
CA GLU A 80 -19.75 -10.47 -5.34
C GLU A 80 -19.97 -11.78 -4.58
N ARG A 81 -19.10 -12.75 -4.80
CA ARG A 81 -19.23 -14.03 -4.11
C ARG A 81 -19.12 -13.85 -2.60
N ILE A 82 -18.11 -13.11 -2.15
CA ILE A 82 -17.94 -12.91 -0.71
C ILE A 82 -19.10 -12.10 -0.12
N PHE A 83 -19.62 -11.15 -0.89
CA PHE A 83 -20.78 -10.37 -0.44
C PHE A 83 -22.01 -11.24 -0.24
N ALA A 84 -22.21 -12.22 -1.12
CA ALA A 84 -23.35 -13.12 -1.00
C ALA A 84 -23.11 -14.23 0.01
N HIS A 85 -21.84 -14.59 0.27
CA HIS A 85 -21.52 -15.76 1.09
C HIS A 85 -20.38 -15.35 2.03
N SER A 86 -20.74 -14.72 3.14
CA SER A 86 -19.72 -14.19 4.04
C SER A 86 -18.80 -15.27 4.58
N GLU A 87 -19.24 -16.53 4.58
CA GLU A 87 -18.40 -17.62 5.06
C GLU A 87 -17.19 -17.82 4.15
N ASP A 88 -17.30 -17.43 2.89
CA ASP A 88 -16.19 -17.55 1.95
C ASP A 88 -15.06 -16.57 2.22
N LYS A 89 -15.28 -15.55 3.05
CA LYS A 89 -14.16 -14.69 3.44
C LYS A 89 -13.11 -15.48 4.20
N ALA A 90 -13.53 -16.36 5.13
CA ALA A 90 -12.57 -17.14 5.89
C ALA A 90 -11.81 -18.10 4.99
N TRP A 91 -12.50 -18.65 3.99
CA TRP A 91 -11.85 -19.55 3.05
C TRP A 91 -10.78 -18.80 2.30
N LEU A 92 -11.13 -17.63 1.76
CA LEU A 92 -10.16 -16.83 1.02
C LEU A 92 -8.97 -16.45 1.89
N ASN A 93 -9.22 -16.05 3.14
CA ASN A 93 -8.13 -15.75 4.05
C ASN A 93 -7.22 -16.96 4.27
N ALA A 94 -7.80 -18.13 4.48
CA ALA A 94 -7.02 -19.33 4.73
C ALA A 94 -6.15 -19.69 3.53
N LEU A 95 -6.61 -19.38 2.33
CA LEU A 95 -5.86 -19.64 1.11
C LEU A 95 -4.75 -18.61 0.93
N LEU A 96 -5.09 -17.33 1.10
CA LEU A 96 -4.16 -16.27 0.70
C LEU A 96 -3.24 -15.80 1.82
N HIS A 97 -3.69 -15.77 3.06
CA HIS A 97 -2.83 -15.25 4.11
C HIS A 97 -1.46 -15.94 4.17
N PRO A 98 -1.37 -17.28 4.15
CA PRO A 98 -0.04 -17.90 4.19
C PRO A 98 0.83 -17.50 3.02
N LEU A 99 0.24 -17.39 1.83
CA LEU A 99 1.01 -16.99 0.66
C LEU A 99 1.52 -15.57 0.78
N ILE A 100 0.71 -14.66 1.32
CA ILE A 100 1.14 -13.27 1.49
C ILE A 100 2.23 -13.16 2.53
N GLN A 101 2.07 -13.87 3.65
CA GLN A 101 3.13 -13.90 4.66
C GLN A 101 4.42 -14.42 4.07
N GLN A 102 4.36 -15.53 3.35
CA GLN A 102 5.55 -16.15 2.80
C GLN A 102 6.23 -15.22 1.81
N GLU A 103 5.48 -14.58 0.93
CA GLU A 103 6.07 -13.68 -0.05
C GLU A 103 6.62 -12.43 0.60
N THR A 104 5.96 -11.93 1.65
CA THR A 104 6.50 -10.81 2.40
C THR A 104 7.88 -11.15 2.94
N ARG A 105 7.99 -12.32 3.56
CA ARG A 105 9.27 -12.73 4.10
C ARG A 105 10.31 -12.98 3.01
N ARG A 106 9.90 -13.54 1.87
CA ARG A 106 10.87 -13.74 0.79
C ARG A 106 11.43 -12.40 0.33
N GLN A 107 10.57 -11.40 0.16
CA GLN A 107 11.03 -10.10 -0.30
C GLN A 107 11.94 -9.43 0.73
N MET A 108 11.60 -9.56 2.01
CA MET A 108 12.50 -9.04 3.04
C MET A 108 13.86 -9.72 2.94
N GLN A 109 13.89 -11.04 2.82
CA GLN A 109 15.15 -11.78 2.85
C GLN A 109 16.00 -11.50 1.62
N ALA A 110 15.36 -11.27 0.48
CA ALA A 110 16.08 -11.06 -0.77
C ALA A 110 16.59 -9.64 -0.91
N SER A 111 16.09 -8.73 -0.08
CA SER A 111 16.50 -7.35 -0.19
C SER A 111 17.98 -7.18 0.14
N THR A 112 18.65 -6.33 -0.61
CA THR A 112 20.01 -5.94 -0.25
C THR A 112 20.16 -4.41 -0.18
N SER A 113 19.04 -3.67 -0.07
CA SER A 113 19.12 -2.22 0.01
C SER A 113 19.42 -1.74 1.43
N PRO A 114 19.97 -0.53 1.56
CA PRO A 114 20.32 -0.04 2.90
C PRO A 114 19.14 0.06 3.86
N TYR A 115 17.94 0.31 3.36
CA TYR A 115 16.75 0.34 4.20
C TYR A 115 15.58 -0.18 3.39
N LEU A 116 14.47 -0.43 4.08
CA LEU A 116 13.23 -0.93 3.51
C LEU A 116 12.16 0.15 3.65
N LEU A 117 11.31 0.28 2.63
CA LEU A 117 10.11 1.11 2.70
C LEU A 117 8.90 0.21 2.78
N TRP A 118 8.15 0.33 3.86
CA TRP A 118 6.95 -0.48 4.09
C TRP A 118 5.74 0.42 3.91
N VAL A 119 4.88 0.07 2.96
CA VAL A 119 3.65 0.80 2.74
C VAL A 119 2.60 0.26 3.71
N VAL A 120 2.15 1.10 4.63
CA VAL A 120 1.28 0.69 5.74
C VAL A 120 0.07 1.60 5.80
N PRO A 121 -0.97 1.33 5.03
CA PRO A 121 -2.15 2.22 4.99
C PRO A 121 -2.76 2.54 6.35
N LEU A 122 -2.82 1.59 7.28
CA LEU A 122 -3.49 1.81 8.55
C LEU A 122 -2.52 1.89 9.72
N LEU A 123 -1.32 2.43 9.48
CA LEU A 123 -0.31 2.54 10.52
C LEU A 123 -0.87 3.22 11.77
N VAL A 124 -1.50 4.38 11.60
CA VAL A 124 -2.01 5.11 12.76
C VAL A 124 -3.25 4.40 13.33
N GLU A 125 -4.15 3.98 12.44
CA GLU A 125 -5.42 3.39 12.90
C GLU A 125 -5.19 2.08 13.66
N ASN A 126 -4.18 1.31 13.28
CA ASN A 126 -3.90 0.03 13.92
C ASN A 126 -2.78 0.11 14.97
N ARG A 127 -2.32 1.33 15.29
CA ARG A 127 -1.37 1.54 16.39
C ARG A 127 -0.03 0.85 16.14
N LEU A 128 0.50 1.02 14.92
CA LEU A 128 1.77 0.43 14.53
C LEU A 128 2.91 1.45 14.48
N THR A 129 2.74 2.61 15.10
CA THR A 129 3.75 3.65 15.02
C THR A 129 5.08 3.24 15.66
N ASP A 130 5.08 2.22 16.52
CA ASP A 130 6.28 1.80 17.23
C ASP A 130 7.15 0.84 16.44
N LYS A 131 6.63 0.26 15.35
CA LYS A 131 7.32 -0.86 14.71
C LYS A 131 8.40 -0.40 13.74
N ALA A 132 8.20 0.74 13.07
CA ALA A 132 9.16 1.23 12.09
C ALA A 132 10.15 2.19 12.73
N ASP A 133 11.31 2.35 12.09
CA ASP A 133 12.29 3.27 12.62
C ASP A 133 11.92 4.72 12.33
N ARG A 134 11.15 4.94 11.27
CA ARG A 134 10.77 6.29 10.85
C ARG A 134 9.41 6.19 10.18
N ILE A 135 8.62 7.25 10.32
CA ILE A 135 7.30 7.34 9.69
C ILE A 135 7.30 8.49 8.71
N LEU A 136 6.98 8.21 7.44
CA LEU A 136 6.81 9.19 6.39
C LEU A 136 5.34 9.22 6.04
N VAL A 137 4.72 10.39 6.14
CA VAL A 137 3.32 10.57 5.74
C VAL A 137 3.27 11.29 4.41
N VAL A 138 2.54 10.72 3.46
CA VAL A 138 2.18 11.40 2.22
C VAL A 138 0.89 12.16 2.46
N ASP A 139 0.93 13.46 2.26
CA ASP A 139 -0.17 14.35 2.59
C ASP A 139 -0.65 15.11 1.37
N VAL A 140 -1.95 15.33 1.31
CA VAL A 140 -2.60 16.22 0.35
C VAL A 140 -3.79 16.84 1.08
N PRO A 141 -4.33 17.95 0.59
CA PRO A 141 -5.57 18.49 1.18
C PRO A 141 -6.72 17.50 1.04
N LYS A 142 -7.69 17.65 1.95
CA LYS A 142 -8.84 16.77 1.94
C LYS A 142 -9.54 16.76 0.59
N GLU A 143 -9.72 17.93 -0.02
CA GLU A 143 -10.41 17.98 -1.31
C GLU A 143 -9.65 17.21 -2.37
N THR A 144 -8.32 17.19 -2.27
CA THR A 144 -7.52 16.44 -3.22
C THR A 144 -7.69 14.94 -3.03
N GLN A 145 -7.71 14.46 -1.78
CA GLN A 145 -8.00 13.05 -1.55
C GLN A 145 -9.31 12.67 -2.20
N ILE A 146 -10.33 13.49 -1.98
CA ILE A 146 -11.67 13.18 -2.50
C ILE A 146 -11.62 13.11 -4.02
N GLU A 147 -11.06 14.14 -4.66
CA GLU A 147 -11.02 14.17 -6.12
C GLU A 147 -10.25 12.98 -6.69
N ARG A 148 -9.11 12.65 -6.11
CA ARG A 148 -8.31 11.56 -6.67
C ARG A 148 -8.93 10.19 -6.41
N THR A 149 -9.66 10.04 -5.31
CA THR A 149 -10.33 8.78 -5.02
C THR A 149 -11.54 8.58 -5.92
N ILE A 150 -12.32 9.64 -6.16
CA ILE A 150 -13.44 9.53 -7.10
C ILE A 150 -12.94 9.05 -8.45
N ARG A 151 -11.86 9.66 -8.92
CA ARG A 151 -11.37 9.36 -10.26
C ARG A 151 -10.80 7.95 -10.36
N ARG A 152 -10.00 7.55 -9.37
CA ARG A 152 -9.36 6.24 -9.43
C ARG A 152 -10.39 5.13 -9.21
N ASP A 153 -11.28 5.30 -8.25
CA ASP A 153 -12.10 4.20 -7.77
C ASP A 153 -13.55 4.24 -8.23
N GLY A 154 -13.96 5.31 -8.90
CA GLY A 154 -15.30 5.32 -9.43
C GLY A 154 -16.37 5.37 -8.37
N VAL A 155 -16.12 6.08 -7.29
CA VAL A 155 -17.06 6.24 -6.19
C VAL A 155 -17.59 7.66 -6.21
N SER A 156 -18.72 7.87 -5.55
CA SER A 156 -19.26 9.21 -5.39
C SER A 156 -18.41 10.01 -4.40
N ARG A 157 -18.52 11.33 -4.49
CA ARG A 157 -17.88 12.19 -3.50
C ARG A 157 -18.34 11.82 -2.09
N GLU A 158 -19.64 11.60 -1.91
CA GLU A 158 -20.17 11.21 -0.61
C GLU A 158 -19.55 9.90 -0.12
N HIS A 159 -19.41 8.93 -1.00
CA HIS A 159 -18.71 7.69 -0.63
C HIS A 159 -17.29 7.99 -0.18
N ALA A 160 -16.55 8.80 -0.95
CA ALA A 160 -15.19 9.15 -0.55
C ALA A 160 -15.17 9.78 0.84
N GLU A 161 -16.15 10.65 1.15
CA GLU A 161 -16.20 11.26 2.46
C GLU A 161 -16.42 10.23 3.56
N HIS A 162 -17.23 9.20 3.29
N HIS A 162 -17.24 9.21 3.28
CA HIS A 162 -17.43 8.16 4.28
CA HIS A 162 -17.43 8.13 4.27
C HIS A 162 -16.16 7.35 4.53
C HIS A 162 -16.12 7.42 4.55
N ILE A 163 -15.35 7.13 3.49
CA ILE A 163 -14.06 6.46 3.68
C ILE A 163 -13.13 7.32 4.54
N LEU A 164 -13.04 8.61 4.22
CA LEU A 164 -12.19 9.49 5.02
C LEU A 164 -12.63 9.48 6.48
N ALA A 165 -13.95 9.44 6.73
CA ALA A 165 -14.44 9.43 8.10
C ALA A 165 -14.15 8.12 8.81
N ALA A 166 -13.85 7.06 8.08
CA ALA A 166 -13.46 5.80 8.69
C ALA A 166 -11.95 5.67 8.85
N GLN A 167 -11.18 6.63 8.36
CA GLN A 167 -9.74 6.62 8.48
C GLN A 167 -9.29 7.65 9.51
N ALA A 168 -8.02 7.54 9.89
CA ALA A 168 -7.43 8.53 10.77
C ALA A 168 -7.55 9.92 10.15
N THR A 169 -7.66 10.93 11.00
CA THR A 169 -7.75 12.26 10.43
C THR A 169 -6.40 12.71 9.88
N ARG A 170 -6.47 13.69 8.99
CA ARG A 170 -5.25 14.28 8.47
C ARG A 170 -4.36 14.78 9.60
N GLU A 171 -4.97 15.43 10.59
CA GLU A 171 -4.19 15.98 11.70
C GLU A 171 -3.53 14.89 12.50
N GLN A 172 -4.21 13.76 12.70
CA GLN A 172 -3.64 12.63 13.43
C GLN A 172 -2.46 12.03 12.68
N ARG A 173 -2.57 11.88 11.37
CA ARG A 173 -1.45 11.34 10.60
C ARG A 173 -0.26 12.29 10.63
N LEU A 174 -0.50 13.59 10.45
CA LEU A 174 0.60 14.54 10.50
C LEU A 174 1.26 14.55 11.86
N ALA A 175 0.47 14.38 12.93
CA ALA A 175 1.04 14.37 14.27
C ALA A 175 1.95 13.16 14.50
N ALA A 176 1.65 12.05 13.86
CA ALA A 176 2.46 10.85 14.02
C ALA A 176 3.72 10.88 13.16
N ALA A 177 3.76 11.73 12.14
CA ALA A 177 4.83 11.64 11.15
C ALA A 177 6.15 12.17 11.67
N ASP A 178 7.25 11.51 11.26
CA ASP A 178 8.57 12.11 11.40
C ASP A 178 8.87 13.05 10.25
N ASP A 179 8.44 12.69 9.04
CA ASP A 179 8.60 13.50 7.85
C ASP A 179 7.29 13.50 7.08
N VAL A 180 7.04 14.59 6.38
CA VAL A 180 5.85 14.78 5.56
C VAL A 180 6.28 15.08 4.14
N ILE A 181 5.68 14.37 3.18
CA ILE A 181 5.85 14.68 1.77
C ILE A 181 4.49 15.05 1.22
N GLU A 182 4.34 16.28 0.75
CA GLU A 182 3.09 16.69 0.12
C GLU A 182 3.14 16.28 -1.33
N ASN A 183 2.17 15.47 -1.74
CA ASN A 183 2.13 14.95 -3.11
C ASN A 183 1.29 15.92 -3.96
N MET A 184 1.86 17.12 -4.13
CA MET A 184 1.19 18.25 -4.76
C MET A 184 2.24 19.01 -5.55
N GLY A 185 1.77 19.83 -6.48
CA GLY A 185 2.68 20.58 -7.31
C GLY A 185 3.28 19.72 -8.41
N SER A 186 4.43 20.16 -8.89
CA SER A 186 5.07 19.49 -10.02
CA SER A 186 5.09 19.49 -10.01
C SER A 186 5.60 18.12 -9.60
N ALA A 187 5.44 17.14 -10.49
CA ALA A 187 5.90 15.79 -10.19
C ALA A 187 7.42 15.74 -10.05
N ASP A 188 8.14 16.57 -10.81
CA ASP A 188 9.59 16.60 -10.70
C ASP A 188 10.02 17.05 -9.31
N ALA A 189 9.30 18.00 -8.72
CA ALA A 189 9.65 18.45 -7.39
C ALA A 189 9.32 17.40 -6.34
N VAL A 190 8.19 16.69 -6.48
CA VAL A 190 7.91 15.58 -5.58
C VAL A 190 9.04 14.55 -5.64
N ALA A 191 9.51 14.24 -6.85
CA ALA A 191 10.59 13.26 -6.98
C ALA A 191 11.87 13.77 -6.34
N SER A 192 12.14 15.08 -6.46
CA SER A 192 13.31 15.66 -5.80
CA SER A 192 13.31 15.65 -5.80
C SER A 192 13.16 15.61 -4.29
N HIS A 193 11.94 15.77 -3.80
CA HIS A 193 11.71 15.66 -2.36
C HIS A 193 11.97 14.23 -1.91
N VAL A 194 11.54 13.25 -2.70
CA VAL A 194 11.84 11.85 -2.40
C VAL A 194 13.35 11.63 -2.37
N ALA A 195 14.09 12.19 -3.33
CA ALA A 195 15.54 11.98 -3.34
C ALA A 195 16.19 12.59 -2.11
N ARG A 196 15.69 13.73 -1.64
CA ARG A 196 16.20 14.33 -0.42
CA ARG A 196 16.23 14.33 -0.43
C ARG A 196 15.92 13.46 0.80
N LEU A 197 14.70 12.94 0.90
CA LEU A 197 14.39 12.04 2.00
C LEU A 197 15.20 10.73 1.92
N HIS A 198 15.40 10.22 0.70
CA HIS A 198 16.23 9.02 0.54
C HIS A 198 17.62 9.20 1.13
N ASP A 199 18.23 10.37 0.89
CA ASP A 199 19.53 10.63 1.50
C ASP A 199 19.44 10.66 3.02
N LYS A 200 18.39 11.30 3.56
CA LYS A 200 18.21 11.30 5.01
C LYS A 200 18.13 9.88 5.55
N TYR A 201 17.35 9.02 4.89
CA TYR A 201 17.17 7.65 5.36
C TYR A 201 18.45 6.83 5.21
N LEU A 202 19.22 7.07 4.15
CA LEU A 202 20.52 6.39 4.05
C LEU A 202 21.39 6.75 5.24
N MET A 203 21.40 8.02 5.61
CA MET A 203 22.27 8.45 6.71
C MET A 203 21.77 7.90 8.03
N LEU A 204 20.45 7.87 8.23
CA LEU A 204 19.90 7.28 9.45
C LEU A 204 20.18 5.78 9.51
N ALA A 205 20.11 5.10 8.37
CA ALA A 205 20.42 3.68 8.37
C ALA A 205 21.88 3.43 8.73
N SER A 206 22.79 4.26 8.21
CA SER A 206 24.19 4.15 8.62
C SER A 206 24.37 4.43 10.11
N GLN A 207 23.68 5.44 10.63
CA GLN A 207 23.78 5.75 12.05
C GLN A 207 23.28 4.58 12.89
N ALA A 208 22.16 3.98 12.51
CA ALA A 208 21.63 2.83 13.24
C ALA A 208 22.60 1.65 13.20
N ALA A 209 23.28 1.48 12.07
CA ALA A 209 24.18 0.34 11.91
C ALA A 209 25.48 0.52 12.68
N SER A 210 25.80 1.74 13.12
CA SER A 210 27.05 2.00 13.83
C SER A 210 26.88 1.84 15.33
#